data_4HR9
#
_entry.id   4HR9
#
_cell.length_a   64.350
_cell.length_b   85.250
_cell.length_c   119.860
_cell.angle_alpha   90.00
_cell.angle_beta   90.00
_cell.angle_gamma   90.00
#
_symmetry.space_group_name_H-M   'C 2 2 21'
#
loop_
_entity.id
_entity.type
_entity.pdbx_description
1 polymer Interleukin-17A
2 water water
#
_entity_poly.entity_id   1
_entity_poly.type   'polypeptide(L)'
_entity_poly.pdbx_seq_one_letter_code
;PNSEDKNFPRTVMVNLNIHNRNTNTNPKRSSDYYDRSTSPWNLHRNEDPERYPSVIWEAKCRHLGCINADGNVDYHMNSV
PIQQEILVLRREPPHSPNSFRLEKILVSVGCTCVTPIVHHVA
;
_entity_poly.pdbx_strand_id   A,B
#
# COMPACT_ATOMS: atom_id res chain seq x y z
N PRO A 9 14.11 -8.78 22.24
CA PRO A 9 12.74 -9.32 22.09
C PRO A 9 11.67 -8.39 22.71
N ARG A 10 10.78 -7.87 21.86
CA ARG A 10 9.70 -6.96 22.23
C ARG A 10 8.37 -7.75 22.02
N THR A 11 8.08 -8.70 22.94
CA THR A 11 6.92 -9.59 22.85
C THR A 11 5.63 -8.95 23.32
N VAL A 12 4.64 -8.99 22.45
CA VAL A 12 3.29 -8.47 22.69
C VAL A 12 2.27 -9.55 22.37
N MET A 13 1.03 -9.37 22.85
CA MET A 13 -0.06 -10.30 22.56
C MET A 13 -0.91 -9.66 21.50
N VAL A 14 -1.37 -10.46 20.55
CA VAL A 14 -2.25 -9.97 19.48
C VAL A 14 -3.42 -10.95 19.36
N ASN A 15 -4.65 -10.41 19.39
CA ASN A 15 -5.86 -11.17 19.10
C ASN A 15 -6.09 -11.02 17.60
N LEU A 16 -6.08 -12.16 16.89
CA LEU A 16 -6.22 -12.19 15.44
C LEU A 16 -7.65 -12.02 14.92
N ASN A 17 -8.65 -11.95 15.82
CA ASN A 17 -10.05 -11.73 15.41
C ASN A 17 -10.34 -10.24 15.19
N ILE A 18 -10.41 -9.83 13.90
CA ILE A 18 -10.56 -8.43 13.39
C ILE A 18 -11.62 -7.51 14.04
N HIS A 19 -12.91 -7.96 14.06
CA HIS A 19 -14.11 -7.26 14.58
C HIS A 19 -14.76 -6.30 13.58
N TYR A 33 -13.27 1.76 -10.65
CA TYR A 33 -12.63 2.55 -9.61
C TYR A 33 -11.38 3.27 -10.16
N TYR A 34 -10.30 2.49 -10.41
CA TYR A 34 -9.03 2.88 -10.98
C TYR A 34 -8.86 2.20 -12.36
N ASP A 35 -10.00 1.84 -12.98
CA ASP A 35 -10.07 1.20 -14.29
C ASP A 35 -9.70 2.22 -15.35
N ARG A 36 -10.00 3.50 -15.08
CA ARG A 36 -9.76 4.61 -16.02
C ARG A 36 -8.36 5.23 -15.87
N SER A 37 -7.46 4.51 -15.18
CA SER A 37 -6.07 4.88 -14.97
C SER A 37 -5.33 4.83 -16.30
N THR A 38 -4.36 5.73 -16.51
CA THR A 38 -3.50 5.70 -17.71
C THR A 38 -2.45 4.60 -17.53
N SER A 39 -2.22 4.14 -16.27
CA SER A 39 -1.30 3.05 -15.93
C SER A 39 -2.15 2.01 -15.15
N PRO A 40 -3.13 1.33 -15.81
CA PRO A 40 -3.98 0.39 -15.09
C PRO A 40 -3.22 -0.84 -14.62
N TRP A 41 -3.80 -1.56 -13.66
CA TRP A 41 -3.18 -2.74 -13.09
C TRP A 41 -4.18 -3.84 -12.85
N ASN A 42 -3.68 -5.06 -12.65
CA ASN A 42 -4.45 -6.25 -12.28
C ASN A 42 -3.94 -6.70 -10.94
N LEU A 43 -4.74 -7.47 -10.21
CA LEU A 43 -4.31 -7.98 -8.91
C LEU A 43 -3.90 -9.42 -9.02
N HIS A 44 -2.78 -9.73 -8.41
CA HIS A 44 -2.19 -11.06 -8.38
C HIS A 44 -2.23 -11.58 -6.94
N ARG A 45 -2.67 -12.83 -6.78
CA ARG A 45 -2.76 -13.50 -5.50
C ARG A 45 -1.39 -14.03 -5.07
N ASN A 46 -0.76 -13.38 -4.08
CA ASN A 46 0.50 -13.86 -3.53
C ASN A 46 0.20 -14.61 -2.18
N GLU A 47 0.50 -15.92 -2.14
CA GLU A 47 0.26 -16.78 -0.98
C GLU A 47 1.53 -17.27 -0.31
N ASP A 48 1.54 -17.23 1.03
CA ASP A 48 2.64 -17.68 1.85
C ASP A 48 2.10 -18.34 3.13
N PRO A 49 2.21 -19.67 3.28
CA PRO A 49 1.69 -20.32 4.50
C PRO A 49 2.36 -19.93 5.81
N GLU A 50 3.60 -19.40 5.74
CA GLU A 50 4.42 -18.99 6.90
C GLU A 50 4.24 -17.55 7.30
N ARG A 51 3.27 -16.91 6.69
CA ARG A 51 2.95 -15.52 6.86
C ARG A 51 1.52 -15.33 7.33
N TYR A 52 1.30 -14.27 8.14
CA TYR A 52 -0.02 -13.80 8.54
C TYR A 52 -0.08 -12.28 8.20
N PRO A 53 -0.94 -11.86 7.25
CA PRO A 53 -1.96 -12.66 6.53
C PRO A 53 -1.30 -13.50 5.43
N SER A 54 -1.77 -14.73 5.23
CA SER A 54 -1.20 -15.59 4.19
C SER A 54 -1.39 -15.09 2.76
N VAL A 55 -2.55 -14.46 2.43
CA VAL A 55 -2.82 -13.92 1.10
C VAL A 55 -2.59 -12.42 1.11
N ILE A 56 -1.85 -11.96 0.12
CA ILE A 56 -1.57 -10.56 -0.18
C ILE A 56 -1.82 -10.40 -1.66
N TRP A 57 -2.77 -9.54 -2.03
CA TRP A 57 -3.09 -9.23 -3.42
C TRP A 57 -2.14 -8.14 -3.86
N GLU A 58 -1.31 -8.43 -4.87
CA GLU A 58 -0.34 -7.50 -5.43
C GLU A 58 -0.65 -6.99 -6.83
N ALA A 59 -0.46 -5.69 -7.01
CA ALA A 59 -0.71 -5.05 -8.30
C ALA A 59 0.35 -5.36 -9.34
N LYS A 60 -0.10 -5.57 -10.57
CA LYS A 60 0.78 -5.83 -11.72
C LYS A 60 0.25 -4.95 -12.83
N CYS A 61 1.11 -4.04 -13.33
CA CYS A 61 0.81 -3.13 -14.41
C CYS A 61 0.34 -3.90 -15.63
N ARG A 62 -0.78 -3.45 -16.24
CA ARG A 62 -1.32 -4.15 -17.41
C ARG A 62 -0.43 -3.95 -18.65
N HIS A 63 0.26 -2.80 -18.75
CA HIS A 63 1.08 -2.43 -19.89
C HIS A 63 2.43 -1.87 -19.48
N LEU A 64 3.38 -1.86 -20.43
CA LEU A 64 4.70 -1.27 -20.29
C LEU A 64 4.58 0.26 -20.43
N GLY A 65 3.73 0.70 -21.34
CA GLY A 65 3.46 2.10 -21.57
C GLY A 65 2.23 2.57 -20.83
N CYS A 66 1.76 3.79 -21.15
CA CYS A 66 0.56 4.39 -20.56
C CYS A 66 -0.51 4.56 -21.59
N ILE A 67 -1.78 4.56 -21.16
CA ILE A 67 -2.91 4.75 -22.07
C ILE A 67 -3.05 6.21 -22.48
N ASN A 68 -3.09 6.48 -23.83
CA ASN A 68 -3.31 7.73 -24.57
C ASN A 68 -4.73 8.24 -24.34
N ALA A 69 -5.01 9.42 -24.92
CA ALA A 69 -6.33 10.05 -24.96
C ALA A 69 -7.23 9.27 -25.96
N ASP A 70 -6.59 8.56 -26.91
CA ASP A 70 -7.24 7.73 -27.94
C ASP A 70 -7.55 6.30 -27.46
N GLY A 71 -7.04 5.94 -26.27
CA GLY A 71 -7.21 4.60 -25.73
C GLY A 71 -6.10 3.65 -26.15
N ASN A 72 -5.05 4.20 -26.76
CA ASN A 72 -3.89 3.41 -27.19
C ASN A 72 -2.73 3.47 -26.20
N VAL A 73 -1.84 2.47 -26.24
CA VAL A 73 -0.67 2.44 -25.38
C VAL A 73 0.42 3.31 -25.98
N ASP A 74 0.87 4.32 -25.21
CA ASP A 74 1.96 5.22 -25.56
C ASP A 74 3.25 4.69 -24.86
N TYR A 75 4.20 4.15 -25.65
CA TYR A 75 5.47 3.59 -25.17
C TYR A 75 6.59 4.57 -24.89
N HIS A 76 6.32 5.87 -25.04
CA HIS A 76 7.27 6.94 -24.69
C HIS A 76 7.12 7.29 -23.21
N MET A 77 6.09 6.72 -22.56
CA MET A 77 5.74 6.84 -21.15
C MET A 77 5.75 5.45 -20.55
N ASN A 78 5.96 5.33 -19.22
CA ASN A 78 5.99 4.02 -18.59
C ASN A 78 5.02 3.86 -17.42
N SER A 79 4.32 2.70 -17.36
CA SER A 79 3.51 2.31 -16.20
C SER A 79 4.52 1.67 -15.27
N VAL A 80 4.60 2.18 -14.04
CA VAL A 80 5.51 1.63 -13.05
C VAL A 80 4.71 1.23 -11.79
N PRO A 81 5.07 0.10 -11.17
CA PRO A 81 4.36 -0.28 -9.94
C PRO A 81 4.76 0.59 -8.76
N ILE A 82 3.80 0.92 -7.89
CA ILE A 82 4.09 1.67 -6.67
C ILE A 82 4.39 0.62 -5.58
N GLN A 83 5.64 0.58 -5.12
CA GLN A 83 6.06 -0.40 -4.14
C GLN A 83 6.12 0.19 -2.74
N GLN A 84 5.37 -0.42 -1.82
CA GLN A 84 5.34 0.04 -0.44
C GLN A 84 5.81 -1.02 0.53
N GLU A 85 6.50 -0.59 1.58
CA GLU A 85 6.96 -1.45 2.66
C GLU A 85 5.80 -1.66 3.60
N ILE A 86 5.48 -2.92 3.85
CA ILE A 86 4.37 -3.27 4.74
C ILE A 86 4.83 -4.20 5.86
N LEU A 87 4.24 -4.05 7.06
CA LEU A 87 4.54 -4.92 8.18
C LEU A 87 3.61 -6.12 8.13
N VAL A 88 4.17 -7.30 8.17
CA VAL A 88 3.42 -8.56 8.16
C VAL A 88 3.90 -9.45 9.33
N LEU A 89 3.25 -10.59 9.57
CA LEU A 89 3.67 -11.51 10.65
C LEU A 89 4.27 -12.78 10.06
N ARG A 90 5.49 -13.14 10.49
CA ARG A 90 6.20 -14.33 10.05
C ARG A 90 6.18 -15.35 11.20
N ARG A 91 5.72 -16.58 10.95
CA ARG A 91 5.70 -17.63 11.99
C ARG A 91 7.12 -17.88 12.53
N GLU A 92 7.33 -17.71 13.85
CA GLU A 92 8.60 -17.90 14.54
C GLU A 92 8.37 -18.65 15.85
N PRO A 93 8.86 -19.90 16.01
CA PRO A 93 9.64 -20.70 15.05
C PRO A 93 8.81 -21.07 13.80
N PRO A 94 9.42 -21.49 12.65
CA PRO A 94 8.59 -21.86 11.49
C PRO A 94 7.51 -22.89 11.82
N HIS A 95 6.33 -22.74 11.20
CA HIS A 95 5.13 -23.58 11.33
C HIS A 95 4.30 -23.33 12.58
N SER A 96 4.75 -22.40 13.45
CA SER A 96 4.08 -22.09 14.72
C SER A 96 2.68 -21.53 14.55
N PRO A 97 1.67 -22.11 15.23
CA PRO A 97 0.31 -21.54 15.12
C PRO A 97 0.07 -20.29 15.98
N ASN A 98 0.94 -20.02 16.96
CA ASN A 98 0.69 -18.94 17.91
C ASN A 98 1.85 -17.98 18.21
N SER A 99 2.93 -18.07 17.44
CA SER A 99 4.13 -17.28 17.70
C SER A 99 4.67 -16.70 16.39
N PHE A 100 4.95 -15.39 16.39
CA PHE A 100 5.38 -14.66 15.21
C PHE A 100 6.44 -13.62 15.53
N ARG A 101 7.07 -13.14 14.46
CA ARG A 101 8.00 -12.03 14.44
C ARG A 101 7.47 -11.08 13.36
N LEU A 102 7.53 -9.79 13.67
CA LEU A 102 7.13 -8.73 12.76
C LEU A 102 8.14 -8.69 11.62
N GLU A 103 7.66 -8.56 10.38
CA GLU A 103 8.53 -8.54 9.21
C GLU A 103 8.10 -7.47 8.21
N LYS A 104 9.09 -6.89 7.53
CA LYS A 104 8.91 -5.88 6.50
C LYS A 104 9.05 -6.55 5.14
N ILE A 105 8.06 -6.35 4.27
CA ILE A 105 8.06 -6.86 2.91
C ILE A 105 7.66 -5.73 1.96
N LEU A 106 8.13 -5.79 0.70
CA LEU A 106 7.77 -4.82 -0.33
C LEU A 106 6.60 -5.38 -1.12
N VAL A 107 5.54 -4.61 -1.24
CA VAL A 107 4.32 -5.01 -1.93
C VAL A 107 3.98 -3.98 -2.99
N SER A 108 3.59 -4.46 -4.19
CA SER A 108 3.15 -3.62 -5.27
C SER A 108 1.68 -3.32 -5.00
N VAL A 109 1.36 -2.04 -4.87
CA VAL A 109 0.07 -1.54 -4.42
C VAL A 109 -0.80 -0.83 -5.45
N GLY A 110 -0.24 -0.61 -6.63
CA GLY A 110 -0.91 0.04 -7.74
C GLY A 110 0.14 0.48 -8.71
N CYS A 111 -0.28 1.08 -9.83
CA CYS A 111 0.64 1.58 -10.85
C CYS A 111 0.45 3.08 -11.10
N THR A 112 1.56 3.76 -11.38
CA THR A 112 1.57 5.18 -11.75
C THR A 112 2.24 5.32 -13.15
N CYS A 113 2.06 6.47 -13.80
CA CYS A 113 2.62 6.73 -15.11
C CYS A 113 3.76 7.72 -14.97
N VAL A 114 4.93 7.31 -15.46
CA VAL A 114 6.14 8.10 -15.33
C VAL A 114 6.77 8.51 -16.67
N THR A 115 7.39 9.68 -16.68
CA THR A 115 8.18 10.12 -17.82
C THR A 115 9.56 9.42 -17.69
N PRO A 116 10.04 8.69 -18.71
CA PRO A 116 11.38 8.07 -18.62
C PRO A 116 12.52 9.11 -18.51
N ILE A 117 13.63 8.76 -17.82
CA ILE A 117 14.79 9.64 -17.59
C ILE A 117 15.48 10.07 -18.90
N PRO B 9 -9.88 -14.75 22.06
CA PRO B 9 -10.48 -15.67 21.08
C PRO B 9 -9.40 -16.30 20.19
N ARG B 10 -8.47 -15.49 19.67
CA ARG B 10 -7.33 -16.00 18.93
C ARG B 10 -6.07 -15.22 19.25
N THR B 11 -5.54 -15.49 20.47
CA THR B 11 -4.37 -14.85 21.02
C THR B 11 -3.09 -15.54 20.64
N VAL B 12 -2.18 -14.78 20.03
CA VAL B 12 -0.87 -15.19 19.58
C VAL B 12 0.17 -14.20 20.16
N MET B 13 1.44 -14.59 20.15
CA MET B 13 2.53 -13.76 20.59
C MET B 13 3.21 -13.22 19.36
N VAL B 14 3.57 -11.94 19.41
CA VAL B 14 4.27 -11.29 18.32
C VAL B 14 5.48 -10.58 18.89
N ASN B 15 6.66 -10.87 18.31
CA ASN B 15 7.90 -10.19 18.64
C ASN B 15 7.95 -9.00 17.68
N LEU B 16 7.96 -7.79 18.26
CA LEU B 16 7.97 -6.56 17.46
C LEU B 16 9.33 -6.18 16.88
N ASN B 17 10.40 -6.93 17.22
CA ASN B 17 11.74 -6.68 16.65
C ASN B 17 11.90 -7.29 15.27
N ILE B 18 11.77 -6.40 14.32
CA ILE B 18 11.82 -6.49 12.88
C ILE B 18 13.21 -6.80 12.34
N TYR B 34 9.45 7.90 -8.46
CA TYR B 34 8.07 8.29 -8.74
C TYR B 34 7.93 9.81 -8.76
N ASP B 35 9.08 10.53 -8.85
CA ASP B 35 9.15 11.99 -8.95
C ASP B 35 8.70 12.42 -10.34
N ARG B 36 8.92 11.52 -11.32
CA ARG B 36 8.60 11.68 -12.74
C ARG B 36 7.16 11.27 -13.08
N SER B 37 6.34 11.02 -12.04
CA SER B 37 4.93 10.65 -12.20
C SER B 37 4.09 11.78 -12.78
N THR B 38 3.07 11.42 -13.57
CA THR B 38 2.14 12.43 -14.10
C THR B 38 1.14 12.83 -13.00
N SER B 39 1.01 11.99 -11.95
CA SER B 39 0.16 12.24 -10.77
C SER B 39 1.06 12.14 -9.53
N PRO B 40 2.02 13.09 -9.37
CA PRO B 40 2.97 12.98 -8.24
C PRO B 40 2.28 13.20 -6.90
N TRP B 41 2.96 12.79 -5.83
CA TRP B 41 2.42 12.88 -4.50
C TRP B 41 3.47 13.26 -3.51
N ASN B 42 3.05 13.68 -2.33
CA ASN B 42 3.92 13.99 -1.20
C ASN B 42 3.55 13.03 -0.11
N LEU B 43 4.49 12.75 0.79
CA LEU B 43 4.24 11.85 1.90
C LEU B 43 3.98 12.61 3.15
N HIS B 44 2.92 12.23 3.83
CA HIS B 44 2.46 12.82 5.07
C HIS B 44 2.64 11.78 6.19
N ARG B 45 3.29 12.13 7.30
CA ARG B 45 3.50 11.22 8.43
C ARG B 45 2.23 11.19 9.34
N ASN B 46 1.36 10.17 9.18
CA ASN B 46 0.13 9.95 9.93
C ASN B 46 0.46 9.20 11.23
N GLU B 47 0.19 9.86 12.37
CA GLU B 47 0.46 9.36 13.72
C GLU B 47 -0.78 9.02 14.54
N ASP B 48 -0.74 7.85 15.18
CA ASP B 48 -1.82 7.34 16.02
C ASP B 48 -1.23 6.62 17.23
N PRO B 49 -1.36 7.20 18.45
CA PRO B 49 -0.80 6.54 19.65
C PRO B 49 -1.44 5.20 20.01
N GLU B 50 -2.68 4.96 19.57
CA GLU B 50 -3.42 3.72 19.85
C GLU B 50 -3.20 2.60 18.82
N ARG B 51 -2.24 2.81 17.92
CA ARG B 51 -1.92 1.93 16.82
C ARG B 51 -0.47 1.50 16.83
N TYR B 52 -0.22 0.27 16.33
CA TYR B 52 1.09 -0.26 16.03
C TYR B 52 1.07 -0.76 14.57
N PRO B 53 1.89 -0.14 13.67
CA PRO B 53 2.88 0.92 13.92
C PRO B 53 2.22 2.28 14.14
N SER B 54 2.70 3.08 15.10
CA SER B 54 2.08 4.39 15.35
C SER B 54 2.22 5.34 14.16
N VAL B 55 3.32 5.18 13.39
CA VAL B 55 3.70 6.01 12.24
C VAL B 55 3.41 5.30 10.93
N ILE B 56 2.59 5.93 10.08
CA ILE B 56 2.24 5.43 8.74
C ILE B 56 2.40 6.62 7.79
N TRP B 57 3.27 6.50 6.78
CA TRP B 57 3.47 7.56 5.76
C TRP B 57 2.41 7.40 4.71
N GLU B 58 1.57 8.42 4.54
CA GLU B 58 0.47 8.42 3.60
C GLU B 58 0.67 9.43 2.50
N ALA B 59 0.27 9.03 1.31
CA ALA B 59 0.38 9.84 0.12
C ALA B 59 -0.73 10.87 -0.05
N LYS B 60 -0.35 12.05 -0.51
CA LYS B 60 -1.28 13.14 -0.82
C LYS B 60 -0.89 13.63 -2.20
N CYS B 61 -1.82 13.56 -3.17
CA CYS B 61 -1.63 14.01 -4.55
C CYS B 61 -1.21 15.48 -4.53
N ARG B 62 -0.15 15.82 -5.30
CA ARG B 62 0.31 17.20 -5.36
C ARG B 62 -0.67 18.12 -6.07
N HIS B 63 -1.41 17.59 -7.06
CA HIS B 63 -2.33 18.36 -7.89
C HIS B 63 -3.67 17.65 -8.09
N LEU B 64 -4.66 18.41 -8.56
CA LEU B 64 -5.98 17.90 -8.91
C LEU B 64 -5.89 17.29 -10.33
N GLY B 65 -5.10 17.92 -11.20
CA GLY B 65 -4.87 17.44 -12.55
C GLY B 65 -3.62 16.59 -12.63
N CYS B 66 -3.26 16.19 -13.84
CA CYS B 66 -2.07 15.38 -14.11
C CYS B 66 -1.08 16.27 -14.85
N ILE B 67 0.21 15.91 -14.81
CA ILE B 67 1.27 16.63 -15.50
C ILE B 67 1.29 16.19 -16.98
N ASN B 68 1.16 17.18 -17.88
CA ASN B 68 1.18 17.15 -19.36
C ASN B 68 2.56 16.73 -19.84
N ALA B 69 2.71 16.54 -21.18
CA ALA B 69 3.98 16.29 -21.85
C ALA B 69 4.84 17.58 -21.80
N ASP B 70 4.20 18.75 -21.60
CA ASP B 70 4.84 20.06 -21.51
C ASP B 70 5.34 20.41 -20.10
N GLY B 71 5.00 19.58 -19.12
CA GLY B 71 5.37 19.83 -17.73
C GLY B 71 4.33 20.65 -16.98
N ASN B 72 3.18 20.91 -17.61
CA ASN B 72 2.10 21.68 -17.01
C ASN B 72 1.00 20.81 -16.44
N VAL B 73 0.31 21.33 -15.40
CA VAL B 73 -0.83 20.66 -14.78
C VAL B 73 -1.98 20.80 -15.77
N ASP B 74 -2.62 19.68 -16.09
CA ASP B 74 -3.73 19.59 -17.04
C ASP B 74 -4.98 19.07 -16.32
N TYR B 75 -6.01 19.91 -16.26
CA TYR B 75 -7.31 19.65 -15.64
C TYR B 75 -8.18 18.67 -16.44
N HIS B 76 -7.75 18.31 -17.66
CA HIS B 76 -8.46 17.36 -18.52
C HIS B 76 -8.30 15.92 -18.00
N MET B 77 -7.39 15.73 -17.02
CA MET B 77 -7.05 14.47 -16.39
C MET B 77 -7.03 14.70 -14.88
N ASN B 78 -7.22 13.64 -14.07
CA ASN B 78 -7.24 13.77 -12.61
C ASN B 78 -6.24 12.88 -11.90
N SER B 79 -5.54 13.44 -10.89
CA SER B 79 -4.65 12.67 -10.00
C SER B 79 -5.58 12.17 -8.93
N VAL B 80 -5.60 10.86 -8.72
CA VAL B 80 -6.43 10.25 -7.69
C VAL B 80 -5.57 9.42 -6.73
N PRO B 81 -5.82 9.49 -5.42
CA PRO B 81 -5.03 8.66 -4.49
C PRO B 81 -5.40 7.18 -4.60
N ILE B 82 -4.40 6.31 -4.48
CA ILE B 82 -4.65 4.87 -4.47
C ILE B 82 -4.83 4.47 -3.00
N GLN B 83 -6.01 4.02 -2.65
CA GLN B 83 -6.33 3.66 -1.27
C GLN B 83 -6.29 2.15 -1.08
N GLN B 84 -5.46 1.69 -0.16
CA GLN B 84 -5.32 0.26 0.12
C GLN B 84 -5.69 -0.08 1.55
N GLU B 85 -6.30 -1.25 1.73
CA GLU B 85 -6.64 -1.79 3.05
C GLU B 85 -5.40 -2.45 3.61
N ILE B 86 -5.00 -2.05 4.82
CA ILE B 86 -3.79 -2.57 5.47
C ILE B 86 -4.14 -3.15 6.85
N LEU B 87 -3.46 -4.24 7.26
CA LEU B 87 -3.63 -4.81 8.60
C LEU B 87 -2.70 -4.10 9.53
N VAL B 88 -3.24 -3.61 10.64
CA VAL B 88 -2.46 -2.89 11.66
C VAL B 88 -2.83 -3.44 13.04
N LEU B 89 -2.14 -3.01 14.08
CA LEU B 89 -2.45 -3.44 15.44
C LEU B 89 -3.08 -2.29 16.26
N ARG B 90 -4.25 -2.53 16.86
CA ARG B 90 -4.98 -1.57 17.69
C ARG B 90 -4.82 -1.97 19.16
N ARG B 91 -4.38 -1.06 20.02
CA ARG B 91 -4.18 -1.35 21.44
C ARG B 91 -5.53 -1.73 22.08
N GLU B 92 -5.58 -2.96 22.65
CA GLU B 92 -6.75 -3.55 23.32
C GLU B 92 -6.31 -4.20 24.63
N PRO B 93 -6.73 -3.70 25.80
CA PRO B 93 -7.61 -2.53 26.04
C PRO B 93 -6.95 -1.21 25.61
N PRO B 94 -7.69 -0.10 25.41
CA PRO B 94 -7.02 1.15 24.98
C PRO B 94 -5.88 1.54 25.92
N HIS B 95 -4.80 2.10 25.35
CA HIS B 95 -3.58 2.57 26.03
C HIS B 95 -2.60 1.47 26.39
N SER B 96 -2.94 0.20 26.12
CA SER B 96 -2.10 -0.96 26.45
C SER B 96 -0.76 -0.98 25.71
N PRO B 97 0.38 -1.11 26.43
CA PRO B 97 1.67 -1.18 25.74
C PRO B 97 1.98 -2.56 25.15
N ASN B 98 1.26 -3.61 25.57
CA ASN B 98 1.62 -4.98 25.16
C ASN B 98 0.49 -5.90 24.69
N SER B 99 -0.70 -5.34 24.48
CA SER B 99 -1.89 -6.10 24.10
C SER B 99 -2.63 -5.39 22.95
N PHE B 100 -2.99 -6.15 21.90
CA PHE B 100 -3.60 -5.63 20.69
C PHE B 100 -4.63 -6.54 20.09
N ARG B 101 -5.38 -5.98 19.14
CA ARG B 101 -6.33 -6.64 18.25
C ARG B 101 -5.94 -6.23 16.82
N LEU B 102 -5.98 -7.17 15.90
CA LEU B 102 -5.72 -6.95 14.48
C LEU B 102 -6.85 -6.10 13.92
N GLU B 103 -6.51 -5.06 13.12
CA GLU B 103 -7.48 -4.13 12.54
C GLU B 103 -7.13 -3.80 11.10
N LYS B 104 -8.17 -3.55 10.29
CA LYS B 104 -8.07 -3.14 8.90
C LYS B 104 -8.31 -1.64 8.81
N ILE B 105 -7.39 -0.90 8.19
CA ILE B 105 -7.52 0.55 7.95
C ILE B 105 -7.24 0.86 6.47
N LEU B 106 -7.79 1.96 5.95
CA LEU B 106 -7.57 2.43 4.57
C LEU B 106 -6.45 3.45 4.60
N VAL B 107 -5.44 3.23 3.77
CA VAL B 107 -4.30 4.12 3.70
C VAL B 107 -4.09 4.59 2.26
N SER B 108 -3.77 5.89 2.06
CA SER B 108 -3.43 6.42 0.74
C SER B 108 -1.94 6.10 0.50
N VAL B 109 -1.66 5.35 -0.55
CA VAL B 109 -0.37 4.73 -0.83
C VAL B 109 0.39 5.24 -2.06
N GLY B 110 -0.22 6.16 -2.77
CA GLY B 110 0.34 6.77 -3.96
C GLY B 110 -0.79 7.35 -4.76
N CYS B 111 -0.47 7.99 -5.90
CA CYS B 111 -1.45 8.58 -6.78
C CYS B 111 -1.31 8.03 -8.20
N THR B 112 -2.43 7.89 -8.86
CA THR B 112 -2.52 7.46 -10.24
C THR B 112 -3.28 8.54 -11.06
N CYS B 113 -3.15 8.49 -12.39
CA CYS B 113 -3.80 9.47 -13.25
C CYS B 113 -4.95 8.80 -13.98
N VAL B 114 -6.14 9.40 -13.82
CA VAL B 114 -7.39 8.87 -14.37
C VAL B 114 -8.05 9.78 -15.40
N THR B 115 -8.67 9.18 -16.40
CA THR B 115 -9.48 9.90 -17.37
C THR B 115 -10.85 10.13 -16.70
N PRO B 116 -11.35 11.40 -16.64
CA PRO B 116 -12.68 11.64 -16.05
C PRO B 116 -13.82 11.01 -16.87
#